data_5HYZ
#
_entry.id   5HYZ
#
_cell.length_a   89.188
_cell.length_b   179.054
_cell.length_c   59.694
_cell.angle_alpha   90.00
_cell.angle_beta   90.00
_cell.angle_gamma   90.00
#
_symmetry.space_group_name_H-M   'C 2 2 21'
#
loop_
_entity.id
_entity.type
_entity.pdbx_description
1 polymer 'GRAS family transcription factor containing protein, expressed'
2 water water
#
_entity_poly.entity_id   1
_entity_poly.type   'polypeptide(L)'
_entity_poly.pdbx_seq_one_letter_code
;SAPILQSLLSCSRAAATDPGLAAAELASVRAAATDAGDPSERLAFYFADALSRRLACGTGAPPSAEPDARFASDELTLCY
KTLNDACPYSKFAHLTANQAILEATGAATKIHIVDFGIVQGIQWAALLQALATRPEGKPTRIRITGVPSPLLGPQPAASL
AATNTRLRDFAKLLGVDFEFVPLLRPVHELNKSDFLVEPDEAVAVNF(MSE)LQLYHLLGDSDELVRRVLRLAKSLSPAV
VTLGEYEVSLNRAGFVDRFANALSYYRSLFESLDVA(MSE)TRDSPERVRVERW(MSE)FGERIQRAVGPEEGADRTER
(MSE)AGSSEWQTL(MSE)EWCGFEPVPLSNYARSQADLLLWNYDSKYKYSLVELPPAFLSLAWEKRPLLTVSAWR
;
_entity_poly.pdbx_strand_id   A
#
# COMPACT_ATOMS: atom_id res chain seq x y z
N SER A 1 -2.32 -9.53 25.40
CA SER A 1 -1.08 -9.11 24.76
C SER A 1 0.14 -9.86 25.36
N ALA A 2 0.97 -10.39 24.47
CA ALA A 2 2.11 -11.24 24.79
C ALA A 2 3.18 -10.52 25.60
N PRO A 3 3.72 -11.20 26.64
CA PRO A 3 4.65 -10.50 27.53
C PRO A 3 5.84 -9.92 26.77
N ILE A 4 6.33 -10.60 25.74
CA ILE A 4 7.53 -10.08 25.06
C ILE A 4 7.19 -8.71 24.44
N LEU A 5 5.97 -8.55 23.95
CA LEU A 5 5.55 -7.30 23.33
C LEU A 5 5.26 -6.22 24.38
N GLN A 6 4.67 -6.60 25.50
CA GLN A 6 4.48 -5.60 26.55
C GLN A 6 5.84 -5.12 27.07
N SER A 7 6.79 -6.04 27.19
CA SER A 7 8.14 -5.62 27.61
C SER A 7 8.77 -4.69 26.59
N LEU A 8 8.61 -5.00 25.31
CA LEU A 8 9.06 -4.09 24.26
C LEU A 8 8.47 -2.68 24.36
N LEU A 9 7.16 -2.62 24.54
CA LEU A 9 6.50 -1.34 24.72
C LEU A 9 7.05 -0.55 25.95
N SER A 10 7.23 -1.24 27.08
CA SER A 10 7.84 -0.49 28.20
C SER A 10 9.23 -0.04 27.87
N CYS A 11 9.98 -0.83 27.11
CA CYS A 11 11.28 -0.37 26.64
C CYS A 11 11.16 0.94 25.87
N SER A 12 10.24 1.01 24.90
CA SER A 12 10.16 2.25 24.12
C SER A 12 9.83 3.46 25.01
N ARG A 13 8.98 3.20 26.01
CA ARG A 13 8.58 4.32 26.89
C ARG A 13 9.77 4.79 27.73
N ALA A 14 10.47 3.84 28.32
CA ALA A 14 11.70 4.15 29.07
C ALA A 14 12.69 4.88 28.23
N ALA A 15 12.84 4.46 26.98
CA ALA A 15 13.82 5.07 26.08
C ALA A 15 13.53 6.55 25.88
N ALA A 16 12.24 6.89 25.82
CA ALA A 16 11.87 8.26 25.52
C ALA A 16 11.91 9.20 26.76
N THR A 17 12.12 8.62 27.95
CA THR A 17 12.22 9.40 29.20
C THR A 17 13.61 9.85 29.53
N ASP A 18 13.69 10.70 30.56
CA ASP A 18 14.95 11.29 31.01
C ASP A 18 15.93 10.28 31.60
N PRO A 19 15.49 9.44 32.58
CA PRO A 19 16.45 8.43 33.07
C PRO A 19 16.99 7.64 31.87
N GLY A 20 16.11 7.13 31.03
CA GLY A 20 16.54 6.41 29.85
C GLY A 20 16.24 4.94 30.06
N LEU A 21 16.63 4.13 29.08
CA LEU A 21 16.33 2.72 29.12
C LEU A 21 17.59 1.97 29.61
N ALA A 22 17.39 1.04 30.53
CA ALA A 22 18.46 0.18 31.04
C ALA A 22 18.82 -0.90 30.03
N ALA A 23 20.10 -1.16 29.87
CA ALA A 23 20.55 -2.21 28.96
C ALA A 23 19.95 -3.55 29.33
N ALA A 24 19.83 -3.88 30.61
CA ALA A 24 19.24 -5.19 30.99
C ALA A 24 17.84 -5.44 30.42
N GLU A 25 17.03 -4.38 30.37
CA GLU A 25 15.65 -4.50 29.85
C GLU A 25 15.64 -4.82 28.37
N LEU A 26 16.40 -4.04 27.60
CA LEU A 26 16.44 -4.26 26.17
C LEU A 26 17.11 -5.61 25.86
N ALA A 27 18.17 -5.95 26.61
CA ALA A 27 18.85 -7.24 26.44
C ALA A 27 17.92 -8.41 26.69
N SER A 28 17.06 -8.31 27.70
CA SER A 28 16.09 -9.36 27.93
C SER A 28 15.14 -9.55 26.75
N VAL A 29 14.64 -8.42 26.22
CA VAL A 29 13.81 -8.59 25.01
C VAL A 29 14.58 -9.19 23.83
N ARG A 30 15.79 -8.67 23.59
CA ARG A 30 16.58 -9.20 22.49
C ARG A 30 16.85 -10.70 22.68
N ALA A 31 17.06 -11.15 23.93
CA ALA A 31 17.34 -12.56 24.18
C ALA A 31 16.14 -13.41 23.81
N ALA A 32 14.96 -12.96 24.24
CA ALA A 32 13.72 -13.69 24.01
C ALA A 32 13.27 -13.67 22.55
N ALA A 33 13.57 -12.60 21.85
CA ALA A 33 13.19 -12.45 20.44
C ALA A 33 13.94 -13.47 19.54
N THR A 34 13.36 -13.81 18.40
CA THR A 34 13.96 -14.74 17.42
C THR A 34 13.36 -14.50 16.05
N ASP A 35 14.17 -14.32 15.02
CA ASP A 35 13.60 -14.22 13.68
C ASP A 35 13.13 -15.58 13.13
N ALA A 36 13.21 -16.65 13.92
CA ALA A 36 12.74 -17.95 13.44
C ALA A 36 11.62 -18.53 14.29
N GLY A 37 11.15 -17.79 15.28
CA GLY A 37 10.16 -18.30 16.21
C GLY A 37 8.72 -17.98 15.83
N ASP A 38 7.86 -17.72 16.81
CA ASP A 38 6.46 -17.46 16.50
C ASP A 38 6.33 -15.97 16.11
N PRO A 39 5.15 -15.55 15.60
CA PRO A 39 5.02 -14.16 15.16
C PRO A 39 5.44 -13.10 16.19
N SER A 40 5.08 -13.25 17.45
CA SER A 40 5.43 -12.22 18.42
C SER A 40 6.97 -12.18 18.65
N GLU A 41 7.62 -13.34 18.60
CA GLU A 41 9.09 -13.42 18.71
C GLU A 41 9.79 -12.79 17.52
N ARG A 42 9.29 -13.01 16.31
CA ARG A 42 9.88 -12.41 15.13
C ARG A 42 9.69 -10.89 15.14
N LEU A 43 8.46 -10.50 15.48
CA LEU A 43 8.12 -9.08 15.58
C LEU A 43 9.06 -8.34 16.56
N ALA A 44 9.21 -8.90 17.75
CA ALA A 44 10.12 -8.31 18.72
C ALA A 44 11.56 -8.28 18.21
N PHE A 45 11.95 -9.30 17.46
CA PHE A 45 13.30 -9.27 16.88
C PHE A 45 13.54 -8.01 16.04
N TYR A 46 12.63 -7.72 15.10
CA TYR A 46 12.89 -6.58 14.23
C TYR A 46 12.71 -5.26 14.96
N PHE A 47 11.72 -5.21 15.86
CA PHE A 47 11.55 -3.95 16.63
C PHE A 47 12.68 -3.67 17.62
N ALA A 48 13.18 -4.70 18.26
CA ALA A 48 14.27 -4.52 19.22
C ALA A 48 15.51 -4.12 18.51
N ASP A 49 15.71 -4.65 17.31
CA ASP A 49 16.82 -4.21 16.49
C ASP A 49 16.74 -2.73 16.13
N ALA A 50 15.54 -2.31 15.71
CA ALA A 50 15.39 -0.91 15.35
C ALA A 50 15.59 -0.03 16.58
N LEU A 51 15.05 -0.44 17.73
CA LEU A 51 15.20 0.36 18.94
C LEU A 51 16.70 0.49 19.30
N SER A 52 17.43 -0.63 19.20
CA SER A 52 18.89 -0.56 19.42
C SER A 52 19.56 0.43 18.53
N ARG A 53 19.28 0.35 17.23
CA ARG A 53 19.90 1.29 16.31
C ARG A 53 19.55 2.75 16.63
N ARG A 54 18.30 3.00 16.97
CA ARG A 54 17.90 4.34 17.42
C ARG A 54 18.76 4.83 18.59
N LEU A 55 18.92 3.97 19.59
CA LEU A 55 19.70 4.33 20.77
C LEU A 55 21.17 4.50 20.44
N ALA A 56 21.69 3.71 19.52
CA ALA A 56 23.10 3.79 19.18
C ALA A 56 23.41 5.07 18.43
N CYS A 57 22.50 5.52 17.58
CA CYS A 57 22.79 6.73 16.82
C CYS A 57 22.64 8.01 17.66
N GLY A 58 21.81 7.95 18.69
CA GLY A 58 21.59 9.10 19.53
C GLY A 58 20.72 10.15 18.86
N ALA A 72 16.87 -4.04 -1.29
CA ALA A 72 17.26 -3.81 -2.67
C ALA A 72 16.03 -3.60 -3.55
N SER A 73 16.16 -3.89 -4.84
CA SER A 73 15.03 -3.87 -5.76
C SER A 73 14.62 -5.30 -6.03
N ASP A 74 15.60 -6.19 -5.89
CA ASP A 74 15.38 -7.60 -6.10
C ASP A 74 14.64 -8.19 -4.91
N GLU A 75 15.14 -7.87 -3.72
CA GLU A 75 14.50 -8.30 -2.49
C GLU A 75 13.03 -7.93 -2.54
N LEU A 76 12.76 -6.63 -2.66
CA LEU A 76 11.39 -6.14 -2.69
C LEU A 76 10.49 -6.80 -3.74
N THR A 77 11.01 -7.03 -4.93
CA THR A 77 10.12 -7.53 -5.97
C THR A 77 9.75 -8.98 -5.64
N LEU A 78 10.72 -9.74 -5.13
CA LEU A 78 10.44 -11.10 -4.69
C LEU A 78 9.49 -11.13 -3.51
N CYS A 79 9.68 -10.16 -2.61
CA CYS A 79 8.86 -10.02 -1.41
C CYS A 79 7.43 -9.76 -1.76
N TYR A 80 7.23 -8.78 -2.65
CA TYR A 80 5.93 -8.43 -3.15
C TYR A 80 5.22 -9.64 -3.70
N LYS A 81 5.93 -10.42 -4.52
CA LYS A 81 5.34 -11.63 -5.10
C LYS A 81 4.95 -12.69 -4.03
N THR A 82 5.87 -12.96 -3.11
CA THR A 82 5.60 -13.84 -2.00
C THR A 82 4.35 -13.38 -1.18
N LEU A 83 4.35 -12.10 -0.81
CA LEU A 83 3.28 -11.56 0.05
C LEU A 83 1.98 -11.77 -0.66
N ASN A 84 1.94 -11.48 -1.96
CA ASN A 84 0.66 -11.55 -2.67
C ASN A 84 0.23 -12.96 -3.05
N ASP A 85 1.16 -13.90 -3.07
CA ASP A 85 0.75 -15.29 -3.14
C ASP A 85 0.21 -15.80 -1.76
N ALA A 86 0.70 -15.24 -0.66
CA ALA A 86 0.28 -15.77 0.65
C ALA A 86 -0.94 -15.07 1.23
N CYS A 87 -1.18 -13.84 0.80
CA CYS A 87 -2.15 -12.98 1.45
C CYS A 87 -3.01 -12.29 0.40
N PRO A 88 -4.20 -11.86 0.78
CA PRO A 88 -5.14 -11.25 -0.19
C PRO A 88 -5.04 -9.72 -0.30
N TYR A 89 -4.03 -9.12 0.34
CA TYR A 89 -3.89 -7.66 0.36
C TYR A 89 -3.94 -6.99 -1.01
N SER A 90 -3.06 -7.38 -1.94
CA SER A 90 -3.02 -6.68 -3.20
C SER A 90 -4.26 -6.97 -4.04
N LYS A 91 -4.80 -8.19 -3.97
CA LYS A 91 -5.95 -8.48 -4.75
C LYS A 91 -7.15 -7.68 -4.25
N PHE A 92 -7.28 -7.62 -2.92
CA PHE A 92 -8.36 -6.82 -2.31
C PHE A 92 -8.31 -5.38 -2.82
N ALA A 93 -7.11 -4.86 -2.74
CA ALA A 93 -6.98 -3.45 -3.12
C ALA A 93 -7.31 -3.22 -4.60
N HIS A 94 -6.67 -4.01 -5.45
CA HIS A 94 -6.94 -3.88 -6.91
C HIS A 94 -8.38 -4.07 -7.33
N LEU A 95 -8.97 -5.14 -6.86
CA LEU A 95 -10.36 -5.38 -7.25
C LEU A 95 -11.30 -4.33 -6.72
N THR A 96 -11.06 -3.82 -5.49
CA THR A 96 -11.97 -2.83 -4.97
C THR A 96 -11.81 -1.47 -5.74
N ALA A 97 -10.56 -1.09 -5.99
CA ALA A 97 -10.30 0.06 -6.83
C ALA A 97 -10.93 -0.09 -8.23
N ASN A 98 -10.76 -1.26 -8.84
CA ASN A 98 -11.29 -1.47 -10.18
C ASN A 98 -12.79 -1.34 -10.23
N GLN A 99 -13.47 -1.83 -9.20
CA GLN A 99 -14.91 -1.70 -9.20
C GLN A 99 -15.31 -0.24 -9.18
N ALA A 100 -14.60 0.56 -8.38
CA ALA A 100 -14.88 2.03 -8.37
C ALA A 100 -14.60 2.70 -9.73
N ILE A 101 -13.51 2.28 -10.38
CA ILE A 101 -13.22 2.85 -11.71
C ILE A 101 -14.32 2.47 -12.72
N LEU A 102 -14.73 1.20 -12.66
CA LEU A 102 -15.76 0.70 -13.60
C LEU A 102 -17.03 1.48 -13.45
N GLU A 103 -17.43 1.71 -12.22
CA GLU A 103 -18.65 2.45 -12.01
C GLU A 103 -18.54 3.93 -12.36
N ALA A 104 -17.40 4.53 -12.04
CA ALA A 104 -17.23 5.97 -12.36
C ALA A 104 -17.19 6.27 -13.85
N THR A 105 -16.78 5.31 -14.66
CA THR A 105 -16.46 5.57 -16.06
C THR A 105 -17.47 4.90 -17.00
N GLY A 106 -18.58 4.42 -16.44
CA GLY A 106 -19.60 3.75 -17.23
C GLY A 106 -20.15 4.52 -18.42
N ALA A 107 -20.31 5.84 -18.29
CA ALA A 107 -20.89 6.65 -19.37
C ALA A 107 -19.86 7.02 -20.43
N ALA A 108 -18.61 6.65 -20.22
CA ALA A 108 -17.57 7.02 -21.18
C ALA A 108 -17.30 5.92 -22.18
N THR A 109 -17.06 6.27 -23.46
CA THR A 109 -16.66 5.23 -24.40
C THR A 109 -15.17 5.11 -24.56
N LYS A 110 -14.46 6.13 -24.10
CA LYS A 110 -12.99 6.16 -24.14
C LYS A 110 -12.49 6.43 -22.73
N ILE A 111 -11.55 5.61 -22.28
CA ILE A 111 -11.09 5.67 -20.90
C ILE A 111 -9.58 5.79 -20.86
N HIS A 112 -9.09 6.65 -19.98
CA HIS A 112 -7.64 6.79 -19.82
C HIS A 112 -7.31 6.55 -18.36
N ILE A 113 -6.55 5.51 -18.08
CA ILE A 113 -6.13 5.19 -16.69
C ILE A 113 -4.73 5.77 -16.42
N VAL A 114 -4.56 6.52 -15.34
CA VAL A 114 -3.23 6.98 -14.93
C VAL A 114 -2.85 6.25 -13.68
N ASP A 115 -1.84 5.39 -13.76
CA ASP A 115 -1.42 4.60 -12.61
C ASP A 115 -0.15 5.15 -12.00
N PHE A 116 -0.26 5.83 -10.83
CA PHE A 116 0.91 6.28 -10.12
C PHE A 116 1.40 5.16 -9.24
N GLY A 117 2.41 4.46 -9.74
CA GLY A 117 3.07 3.41 -9.01
C GLY A 117 2.66 2.04 -9.53
N ILE A 118 2.69 1.83 -10.84
CA ILE A 118 2.43 0.49 -11.36
C ILE A 118 3.54 -0.51 -10.98
N VAL A 119 3.17 -1.75 -10.64
CA VAL A 119 4.18 -2.78 -10.38
C VAL A 119 4.18 -3.77 -11.55
N GLN A 120 3.14 -4.58 -11.67
CA GLN A 120 3.01 -5.55 -12.76
C GLN A 120 1.64 -5.23 -13.39
N GLY A 121 1.26 -5.97 -14.37
CA GLY A 121 0.05 -5.45 -14.98
C GLY A 121 -1.29 -5.97 -14.46
N ILE A 122 -1.26 -6.76 -13.39
CA ILE A 122 -2.50 -7.58 -13.16
C ILE A 122 -3.73 -6.76 -12.82
N GLN A 123 -3.56 -5.61 -12.11
CA GLN A 123 -4.75 -4.79 -11.88
C GLN A 123 -5.43 -4.41 -13.19
N TRP A 124 -4.60 -4.05 -14.19
CA TRP A 124 -5.20 -3.58 -15.42
C TRP A 124 -5.68 -4.69 -16.30
N ALA A 125 -5.08 -5.86 -16.21
CA ALA A 125 -5.64 -6.99 -16.94
C ALA A 125 -7.05 -7.31 -16.38
N ALA A 126 -7.16 -7.25 -15.05
CA ALA A 126 -8.46 -7.46 -14.44
C ALA A 126 -9.47 -6.39 -14.87
N LEU A 127 -9.03 -5.13 -14.89
CA LEU A 127 -9.93 -4.08 -15.28
C LEU A 127 -10.34 -4.21 -16.76
N LEU A 128 -9.39 -4.55 -17.61
CA LEU A 128 -9.73 -4.72 -19.04
C LEU A 128 -10.83 -5.79 -19.20
N GLN A 129 -10.63 -6.90 -18.53
CA GLN A 129 -11.67 -7.96 -18.58
C GLN A 129 -13.03 -7.45 -18.12
N ALA A 130 -13.01 -6.71 -17.00
CA ALA A 130 -14.26 -6.15 -16.48
C ALA A 130 -14.89 -5.12 -17.42
N LEU A 131 -14.10 -4.21 -18.00
CA LEU A 131 -14.60 -3.22 -18.94
C LEU A 131 -15.22 -3.92 -20.16
N ALA A 132 -14.63 -5.05 -20.56
CA ALA A 132 -15.10 -5.69 -21.80
C ALA A 132 -16.48 -6.20 -21.56
N THR A 133 -16.77 -6.58 -20.31
CA THR A 133 -18.09 -7.09 -20.04
C THR A 133 -19.05 -6.15 -19.24
N ARG A 134 -18.78 -4.83 -19.24
CA ARG A 134 -19.58 -3.94 -18.39
C ARG A 134 -20.96 -3.65 -19.01
N PRO A 135 -21.94 -3.21 -18.21
CA PRO A 135 -23.32 -3.01 -18.71
C PRO A 135 -23.44 -2.10 -19.88
N GLU A 136 -22.65 -1.04 -19.89
CA GLU A 136 -22.78 -0.08 -20.95
C GLU A 136 -22.18 -0.54 -22.28
N GLY A 137 -21.56 -1.71 -22.28
CA GLY A 137 -20.88 -2.20 -23.48
C GLY A 137 -19.40 -1.79 -23.47
N LYS A 138 -18.58 -2.61 -24.10
CA LYS A 138 -17.15 -2.43 -24.12
C LYS A 138 -16.72 -1.04 -24.63
N PRO A 139 -15.76 -0.40 -23.97
CA PRO A 139 -15.24 0.89 -24.47
C PRO A 139 -14.64 0.78 -25.87
N THR A 140 -14.59 1.85 -26.62
CA THR A 140 -13.92 1.78 -27.92
C THR A 140 -12.42 2.01 -27.80
N ARG A 141 -11.95 2.61 -26.70
CA ARG A 141 -10.51 2.75 -26.54
C ARG A 141 -10.17 2.82 -25.05
N ILE A 142 -9.10 2.13 -24.68
CA ILE A 142 -8.56 2.22 -23.33
C ILE A 142 -7.06 2.56 -23.44
N ARG A 143 -6.65 3.66 -22.76
CA ARG A 143 -5.24 4.00 -22.68
C ARG A 143 -4.78 3.93 -21.24
N ILE A 144 -3.57 3.46 -21.01
CA ILE A 144 -2.99 3.45 -19.68
C ILE A 144 -1.64 4.19 -19.71
N THR A 145 -1.48 5.13 -18.77
CA THR A 145 -0.20 5.79 -18.59
C THR A 145 0.37 5.35 -17.24
N GLY A 146 1.53 4.72 -17.25
CA GLY A 146 2.02 4.16 -16.00
C GLY A 146 3.29 4.80 -15.47
N VAL A 147 3.28 5.20 -14.21
CA VAL A 147 4.47 5.67 -13.49
C VAL A 147 4.94 4.49 -12.65
N PRO A 148 6.21 4.07 -12.82
CA PRO A 148 6.63 2.82 -12.18
C PRO A 148 6.72 2.98 -10.66
N SER A 149 6.26 1.95 -9.98
CA SER A 149 6.39 1.89 -8.53
C SER A 149 7.85 1.84 -8.06
N PRO A 150 8.17 2.43 -6.89
CA PRO A 150 9.51 2.26 -6.33
C PRO A 150 9.87 0.79 -6.14
N LEU A 151 8.88 -0.09 -5.99
CA LEU A 151 9.15 -1.53 -5.89
C LEU A 151 9.92 -2.08 -7.10
N LEU A 152 9.75 -1.45 -8.27
CA LEU A 152 10.51 -1.90 -9.45
C LEU A 152 11.98 -1.44 -9.47
N GLY A 153 12.40 -0.64 -8.49
CA GLY A 153 13.78 -0.18 -8.42
C GLY A 153 14.18 0.91 -9.39
N PRO A 154 15.48 1.24 -9.41
CA PRO A 154 15.99 2.30 -10.27
C PRO A 154 16.11 1.85 -11.72
N GLN A 155 15.91 0.57 -11.98
CA GLN A 155 16.04 0.05 -13.33
C GLN A 155 14.76 -0.63 -13.80
N PRO A 156 13.66 0.12 -13.94
CA PRO A 156 12.37 -0.53 -14.24
C PRO A 156 12.09 -0.83 -15.72
N ALA A 157 12.98 -0.49 -16.63
CA ALA A 157 12.62 -0.61 -18.03
C ALA A 157 12.26 -2.01 -18.51
N ALA A 158 13.02 -3.04 -18.12
CA ALA A 158 12.72 -4.39 -18.63
C ALA A 158 11.35 -4.82 -18.12
N SER A 159 11.12 -4.51 -16.86
CA SER A 159 9.85 -4.93 -16.24
C SER A 159 8.66 -4.21 -16.90
N LEU A 160 8.80 -2.88 -17.12
CA LEU A 160 7.71 -2.13 -17.76
C LEU A 160 7.45 -2.56 -19.14
N ALA A 161 8.51 -2.76 -19.93
CA ALA A 161 8.31 -3.22 -21.29
C ALA A 161 7.59 -4.56 -21.35
N ALA A 162 7.96 -5.46 -20.44
CA ALA A 162 7.30 -6.76 -20.45
C ALA A 162 5.81 -6.62 -20.07
N THR A 163 5.53 -5.78 -19.08
CA THR A 163 4.12 -5.51 -18.69
C THR A 163 3.33 -4.87 -19.85
N ASN A 164 3.95 -3.92 -20.54
CA ASN A 164 3.34 -3.34 -21.71
C ASN A 164 2.96 -4.37 -22.72
N THR A 165 3.92 -5.22 -23.09
CA THR A 165 3.65 -6.29 -24.04
C THR A 165 2.54 -7.20 -23.57
N ARG A 166 2.62 -7.57 -22.30
CA ARG A 166 1.61 -8.49 -21.80
C ARG A 166 0.21 -7.89 -21.82
N LEU A 167 0.06 -6.62 -21.41
CA LEU A 167 -1.24 -5.99 -21.45
C LEU A 167 -1.77 -5.78 -22.87
N ARG A 168 -0.85 -5.42 -23.80
CA ARG A 168 -1.31 -5.24 -25.18
C ARG A 168 -1.76 -6.57 -25.79
N ASP A 169 -1.04 -7.66 -25.48
CA ASP A 169 -1.46 -9.00 -25.99
C ASP A 169 -2.84 -9.37 -25.42
N PHE A 170 -3.04 -9.03 -24.13
CA PHE A 170 -4.34 -9.33 -23.50
C PHE A 170 -5.50 -8.57 -24.12
N ALA A 171 -5.25 -7.27 -24.35
CA ALA A 171 -6.27 -6.45 -24.95
C ALA A 171 -6.65 -6.96 -26.36
N LYS A 172 -5.66 -7.48 -27.10
CA LYS A 172 -6.02 -8.09 -28.42
C LYS A 172 -7.07 -9.20 -28.25
N LEU A 173 -6.94 -9.98 -27.17
CA LEU A 173 -7.91 -11.07 -26.92
C LEU A 173 -9.29 -10.59 -26.48
N LEU A 174 -9.40 -9.29 -26.16
CA LEU A 174 -10.70 -8.67 -25.94
C LEU A 174 -11.28 -7.88 -27.09
N GLY A 175 -10.50 -7.69 -28.17
CA GLY A 175 -11.02 -6.93 -29.28
C GLY A 175 -11.12 -5.46 -28.96
N VAL A 176 -10.29 -4.98 -28.04
CA VAL A 176 -10.39 -3.52 -27.70
C VAL A 176 -9.15 -2.76 -28.09
N ASP A 177 -9.35 -1.54 -28.62
CA ASP A 177 -8.20 -0.66 -28.98
C ASP A 177 -7.53 -0.24 -27.67
N PHE A 178 -6.22 -0.44 -27.59
CA PHE A 178 -5.54 -0.27 -26.31
C PHE A 178 -4.15 0.35 -26.50
N GLU A 179 -3.72 1.19 -25.55
CA GLU A 179 -2.34 1.69 -25.55
C GLU A 179 -1.83 1.72 -24.12
N PHE A 180 -0.55 1.49 -23.93
CA PHE A 180 0.14 1.64 -22.63
C PHE A 180 1.42 2.42 -22.90
N VAL A 181 1.67 3.45 -22.09
CA VAL A 181 2.97 4.11 -22.14
C VAL A 181 3.47 4.36 -20.73
N PRO A 182 4.79 4.37 -20.52
CA PRO A 182 5.38 4.73 -19.21
C PRO A 182 5.79 6.17 -19.09
N LEU A 183 5.91 6.66 -17.87
CA LEU A 183 6.57 7.96 -17.60
C LEU A 183 7.71 7.67 -16.66
N LEU A 184 8.96 7.83 -17.13
CA LEU A 184 10.15 7.47 -16.35
C LEU A 184 10.77 8.60 -15.58
N ARG A 185 10.43 9.84 -15.91
CA ARG A 185 11.01 10.95 -15.15
C ARG A 185 10.42 10.99 -13.77
N PRO A 186 11.17 11.56 -12.80
CA PRO A 186 10.61 11.70 -11.43
C PRO A 186 9.29 12.41 -11.39
N VAL A 187 8.39 11.93 -10.53
CA VAL A 187 7.04 12.50 -10.53
C VAL A 187 7.04 13.96 -10.18
N HIS A 188 8.00 14.36 -9.37
CA HIS A 188 8.10 15.79 -9.02
C HIS A 188 8.46 16.67 -10.21
N GLU A 189 8.88 16.11 -11.33
CA GLU A 189 9.08 16.90 -12.52
C GLU A 189 8.00 16.84 -13.56
N LEU A 190 7.00 15.98 -13.36
CA LEU A 190 5.95 15.82 -14.37
C LEU A 190 4.94 16.99 -14.28
N ASN A 191 4.29 17.27 -15.39
CA ASN A 191 3.23 18.30 -15.50
C ASN A 191 2.03 17.70 -16.19
N LYS A 192 0.90 18.41 -16.13
CA LYS A 192 -0.32 17.92 -16.78
C LYS A 192 -0.07 17.54 -18.24
N SER A 193 0.72 18.35 -18.96
CA SER A 193 0.82 18.06 -20.37
C SER A 193 1.51 16.70 -20.63
N ASP A 194 2.30 16.22 -19.68
CA ASP A 194 3.00 14.93 -19.84
C ASP A 194 2.07 13.74 -19.92
N PHE A 195 0.84 13.92 -19.42
CA PHE A 195 -0.08 12.77 -19.43
C PHE A 195 -0.88 12.66 -20.72
N LEU A 196 -0.80 13.68 -21.58
CA LEU A 196 -1.42 13.63 -22.91
C LEU A 196 -2.92 13.26 -22.83
N VAL A 197 -3.63 13.90 -21.90
CA VAL A 197 -5.07 13.66 -21.74
C VAL A 197 -5.81 14.34 -22.86
N GLU A 198 -6.92 13.75 -23.27
CA GLU A 198 -7.74 14.26 -24.38
C GLU A 198 -9.13 14.57 -23.91
N PRO A 199 -9.75 15.56 -24.54
CA PRO A 199 -11.04 16.03 -24.02
C PRO A 199 -12.17 14.98 -24.16
N ASP A 200 -12.03 14.01 -25.06
CA ASP A 200 -13.14 13.07 -25.23
C ASP A 200 -13.02 11.76 -24.42
N GLU A 201 -12.18 11.71 -23.40
CA GLU A 201 -11.98 10.45 -22.71
C GLU A 201 -12.20 10.70 -21.23
N ALA A 202 -12.64 9.69 -20.49
CA ALA A 202 -12.74 9.81 -19.05
C ALA A 202 -11.42 9.36 -18.45
N VAL A 203 -10.97 10.05 -17.42
CA VAL A 203 -9.74 9.74 -16.78
C VAL A 203 -10.01 9.14 -15.38
N ALA A 204 -9.31 8.06 -15.04
CA ALA A 204 -9.26 7.58 -13.67
C ALA A 204 -7.82 7.57 -13.22
N VAL A 205 -7.57 8.04 -12.02
CA VAL A 205 -6.23 8.07 -11.46
C VAL A 205 -6.16 7.09 -10.33
N ASN A 206 -5.09 6.29 -10.29
CA ASN A 206 -4.98 5.20 -9.33
C ASN A 206 -3.70 5.38 -8.47
N PHE A 207 -3.84 5.43 -7.15
CA PHE A 207 -2.71 5.43 -6.24
C PHE A 207 -2.77 4.20 -5.33
N MSE A 208 -2.17 3.10 -5.73
CA MSE A 208 -2.28 1.89 -4.88
C MSE A 208 -0.94 1.68 -4.17
O MSE A 208 0.12 1.40 -4.81
CB MSE A 208 -2.65 0.60 -5.65
CG MSE A 208 -3.86 0.75 -6.49
SE MSE A 208 -5.29 0.36 -4.98
CE MSE A 208 -3.71 -0.96 -4.21
N LEU A 209 -0.94 1.86 -2.85
CA LEU A 209 0.27 1.69 -2.02
C LEU A 209 1.43 2.51 -2.60
N GLN A 210 1.19 3.79 -2.83
CA GLN A 210 2.17 4.60 -3.52
C GLN A 210 2.33 5.92 -2.82
N LEU A 211 1.20 6.55 -2.46
CA LEU A 211 1.24 7.93 -2.05
C LEU A 211 1.94 8.08 -0.72
N TYR A 212 1.95 7.00 0.08
CA TYR A 212 2.60 7.17 1.40
C TYR A 212 4.10 7.49 1.22
N HIS A 213 4.68 7.06 0.12
CA HIS A 213 6.11 7.35 -0.16
C HIS A 213 6.40 8.85 -0.20
N LEU A 214 5.39 9.65 -0.49
CA LEU A 214 5.57 11.11 -0.63
C LEU A 214 5.31 11.87 0.66
N LEU A 215 4.82 11.19 1.69
CA LEU A 215 4.53 11.91 2.92
C LEU A 215 5.88 12.31 3.51
N GLY A 216 5.96 13.45 4.17
CA GLY A 216 7.26 13.88 4.66
C GLY A 216 7.05 14.86 5.80
N ASP A 217 8.14 15.43 6.30
CA ASP A 217 8.04 16.51 7.27
C ASP A 217 7.16 17.60 6.63
N SER A 218 7.37 17.84 5.34
CA SER A 218 6.51 18.72 4.56
C SER A 218 5.49 17.92 3.70
N ASP A 219 4.33 18.51 3.39
CA ASP A 219 3.32 17.86 2.52
C ASP A 219 3.52 18.17 1.02
N GLU A 220 4.54 18.94 0.69
CA GLU A 220 4.66 19.48 -0.66
C GLU A 220 4.65 18.45 -1.81
N LEU A 221 5.28 17.29 -1.62
CA LEU A 221 5.34 16.35 -2.72
C LEU A 221 3.96 15.68 -2.88
N VAL A 222 3.29 15.38 -1.75
CA VAL A 222 1.98 14.70 -1.88
C VAL A 222 0.98 15.74 -2.40
N ARG A 223 1.13 17.00 -1.95
CA ARG A 223 0.28 18.04 -2.51
C ARG A 223 0.45 18.23 -4.00
N ARG A 224 1.69 18.19 -4.46
CA ARG A 224 2.01 18.48 -5.86
C ARG A 224 1.37 17.39 -6.68
N VAL A 225 1.50 16.11 -6.26
CA VAL A 225 0.93 15.08 -7.13
C VAL A 225 -0.63 15.01 -7.03
N LEU A 226 -1.22 15.30 -5.88
CA LEU A 226 -2.71 15.36 -5.80
C LEU A 226 -3.25 16.51 -6.64
N ARG A 227 -2.54 17.65 -6.67
CA ARG A 227 -2.97 18.72 -7.58
C ARG A 227 -2.83 18.34 -9.02
N LEU A 228 -1.76 17.62 -9.32
CA LEU A 228 -1.56 17.14 -10.65
C LEU A 228 -2.69 16.19 -11.04
N ALA A 229 -3.03 15.26 -10.15
CA ALA A 229 -4.16 14.36 -10.44
C ALA A 229 -5.48 15.12 -10.70
N LYS A 230 -5.76 16.11 -9.84
CA LYS A 230 -6.99 16.89 -9.93
C LYS A 230 -7.03 17.62 -11.25
N SER A 231 -5.88 18.07 -11.72
CA SER A 231 -5.84 18.84 -12.97
C SER A 231 -6.21 17.99 -14.18
N LEU A 232 -6.21 16.66 -14.02
CA LEU A 232 -6.60 15.80 -15.14
C LEU A 232 -8.11 15.62 -15.26
N SER A 233 -8.81 16.31 -14.39
CA SER A 233 -10.27 16.26 -14.21
C SER A 233 -10.79 14.80 -14.15
N PRO A 234 -10.21 14.00 -13.26
CA PRO A 234 -10.61 12.58 -13.25
C PRO A 234 -12.05 12.34 -12.84
N ALA A 235 -12.64 11.32 -13.45
CA ALA A 235 -13.93 10.83 -13.06
C ALA A 235 -13.88 10.25 -11.68
N VAL A 236 -12.70 9.68 -11.33
CA VAL A 236 -12.48 9.12 -10.00
C VAL A 236 -10.96 8.98 -9.75
N VAL A 237 -10.59 9.04 -8.48
CA VAL A 237 -9.24 8.79 -8.02
C VAL A 237 -9.35 7.72 -6.96
N THR A 238 -8.62 6.63 -7.15
CA THR A 238 -8.67 5.56 -6.18
C THR A 238 -7.42 5.56 -5.35
N LEU A 239 -7.61 5.32 -4.05
CA LEU A 239 -6.54 5.39 -3.11
C LEU A 239 -6.48 4.09 -2.33
N GLY A 240 -5.33 3.43 -2.31
CA GLY A 240 -5.21 2.26 -1.44
C GLY A 240 -4.00 2.45 -0.55
N GLU A 241 -4.15 2.34 0.78
CA GLU A 241 -3.07 2.76 1.66
C GLU A 241 -3.00 1.83 2.87
N TYR A 242 -1.83 1.74 3.45
CA TYR A 242 -1.64 1.01 4.73
C TYR A 242 -2.33 1.78 5.87
N GLU A 243 -3.04 1.06 6.72
CA GLU A 243 -3.86 1.75 7.70
C GLU A 243 -3.09 1.85 9.00
N VAL A 244 -2.16 2.81 9.07
CA VAL A 244 -1.36 2.90 10.33
C VAL A 244 -0.83 4.32 10.40
N SER A 245 -0.91 4.94 11.59
CA SER A 245 -0.57 6.34 11.72
C SER A 245 0.93 6.48 12.09
N LEU A 246 1.76 6.67 11.09
CA LEU A 246 3.21 6.74 11.29
C LEU A 246 3.74 8.00 10.65
N ASN A 247 3.06 9.12 10.83
CA ASN A 247 3.52 10.32 10.14
C ASN A 247 3.97 11.36 11.17
N ARG A 248 3.03 12.17 11.65
CA ARG A 248 3.41 13.25 12.57
C ARG A 248 3.38 12.86 14.03
N ALA A 249 2.91 11.66 14.35
CA ALA A 249 2.84 11.26 15.74
C ALA A 249 4.29 11.20 16.30
N GLY A 250 4.43 11.35 17.61
CA GLY A 250 5.76 11.33 18.21
C GLY A 250 6.23 9.89 18.35
N PHE A 251 7.48 9.72 18.78
CA PHE A 251 8.08 8.40 18.78
C PHE A 251 7.34 7.37 19.60
N VAL A 252 6.92 7.67 20.83
CA VAL A 252 6.29 6.60 21.61
C VAL A 252 4.95 6.11 21.00
N ASP A 253 4.15 7.06 20.50
CA ASP A 253 2.92 6.69 19.78
C ASP A 253 3.21 5.95 18.47
N ARG A 254 4.23 6.38 17.72
CA ARG A 254 4.54 5.70 16.44
C ARG A 254 4.97 4.31 16.71
N PHE A 255 5.81 4.14 17.73
CA PHE A 255 6.24 2.79 18.10
C PHE A 255 5.08 1.90 18.46
N ALA A 256 4.16 2.39 19.29
CA ALA A 256 2.99 1.58 19.61
C ALA A 256 2.08 1.24 18.38
N ASN A 257 1.86 2.25 17.54
CA ASN A 257 1.01 2.09 16.35
C ASN A 257 1.64 1.04 15.41
N ALA A 258 2.93 1.21 15.17
CA ALA A 258 3.68 0.31 14.29
C ALA A 258 3.67 -1.10 14.86
N LEU A 259 3.90 -1.24 16.16
CA LEU A 259 3.96 -2.58 16.75
C LEU A 259 2.64 -3.32 16.60
N SER A 260 1.53 -2.61 16.82
CA SER A 260 0.22 -3.26 16.66
C SER A 260 -0.09 -3.65 15.20
N TYR A 261 0.18 -2.71 14.29
CA TYR A 261 0.03 -2.94 12.86
C TYR A 261 0.86 -4.16 12.34
N TYR A 262 2.16 -4.12 12.64
CA TYR A 262 3.01 -5.21 12.16
C TYR A 262 2.70 -6.53 12.90
N ARG A 263 2.20 -6.47 14.12
CA ARG A 263 1.78 -7.72 14.78
C ARG A 263 0.71 -8.42 13.94
N SER A 264 -0.28 -7.65 13.48
CA SER A 264 -1.29 -8.26 12.60
C SER A 264 -0.69 -8.81 11.29
N LEU A 265 0.16 -8.03 10.62
CA LEU A 265 0.82 -8.55 9.40
C LEU A 265 1.62 -9.85 9.63
N PHE A 266 2.42 -9.84 10.70
CA PHE A 266 3.25 -11.03 11.02
C PHE A 266 2.38 -12.24 11.30
N GLU A 267 1.29 -12.04 12.04
CA GLU A 267 0.35 -13.14 12.31
C GLU A 267 -0.29 -13.70 11.01
N SER A 268 -0.68 -12.80 10.10
CA SER A 268 -1.25 -13.29 8.82
C SER A 268 -0.21 -14.06 7.98
N LEU A 269 1.06 -13.72 8.10
CA LEU A 269 2.06 -14.55 7.43
C LEU A 269 2.16 -15.93 8.07
N ASP A 270 2.01 -15.97 9.40
CA ASP A 270 2.18 -17.21 10.15
C ASP A 270 1.16 -18.26 9.78
N VAL A 271 -0.06 -17.80 9.52
CA VAL A 271 -1.09 -18.77 9.19
C VAL A 271 -0.88 -19.28 7.76
N ALA A 272 -0.22 -18.49 6.93
CA ALA A 272 -0.11 -18.78 5.49
C ALA A 272 1.11 -19.61 5.08
N MSE A 273 2.23 -19.45 5.80
CA MSE A 273 3.48 -20.07 5.38
C MSE A 273 4.13 -20.87 6.52
O MSE A 273 3.81 -20.65 7.69
CB MSE A 273 4.44 -19.01 4.87
CG MSE A 273 3.92 -18.25 3.65
SE MSE A 273 5.03 -16.67 3.30
CE MSE A 273 4.74 -15.85 4.99
N THR A 274 5.03 -21.79 6.18
CA THR A 274 5.71 -22.57 7.23
C THR A 274 6.70 -21.71 8.03
N ARG A 275 6.94 -22.11 9.28
CA ARG A 275 7.94 -21.49 10.16
C ARG A 275 9.38 -21.50 9.59
N ASP A 276 9.69 -22.42 8.68
CA ASP A 276 11.06 -22.48 8.16
C ASP A 276 11.17 -21.90 6.74
N SER A 277 10.09 -21.38 6.19
CA SER A 277 10.12 -20.80 4.83
C SER A 277 11.12 -19.69 4.70
N PRO A 278 12.09 -19.83 3.80
CA PRO A 278 13.03 -18.74 3.51
C PRO A 278 12.36 -17.51 2.89
N GLU A 279 11.33 -17.75 2.07
CA GLU A 279 10.58 -16.69 1.41
C GLU A 279 9.91 -15.79 2.46
N ARG A 280 9.36 -16.47 3.45
CA ARG A 280 8.73 -15.78 4.57
C ARG A 280 9.71 -14.85 5.30
N VAL A 281 10.92 -15.35 5.57
CA VAL A 281 11.93 -14.52 6.23
C VAL A 281 12.35 -13.36 5.37
N ARG A 282 12.43 -13.57 4.06
CA ARG A 282 12.78 -12.49 3.19
C ARG A 282 11.75 -11.37 3.36
N VAL A 283 10.47 -11.72 3.38
CA VAL A 283 9.45 -10.68 3.53
C VAL A 283 9.60 -9.97 4.88
N GLU A 284 9.69 -10.75 5.94
CA GLU A 284 9.79 -10.23 7.29
C GLU A 284 11.02 -9.31 7.48
N ARG A 285 12.15 -9.66 6.87
CA ARG A 285 13.37 -8.87 7.04
C ARG A 285 13.52 -7.71 6.08
N TRP A 286 13.37 -7.97 4.78
CA TRP A 286 13.68 -7.00 3.74
C TRP A 286 12.54 -6.10 3.40
N MSE A 287 11.32 -6.52 3.70
CA MSE A 287 10.21 -5.61 3.45
C MSE A 287 9.75 -5.03 4.78
O MSE A 287 9.94 -3.84 5.02
CB MSE A 287 9.07 -6.30 2.71
CG MSE A 287 7.95 -5.32 2.37
SE MSE A 287 6.56 -6.28 1.31
CE MSE A 287 7.14 -5.69 -0.52
N PHE A 288 9.22 -5.87 5.67
CA PHE A 288 8.68 -5.36 6.93
C PHE A 288 9.79 -4.82 7.84
N GLY A 289 10.87 -5.56 7.99
CA GLY A 289 11.97 -5.12 8.88
C GLY A 289 12.56 -3.79 8.52
N GLU A 290 12.77 -3.58 7.21
CA GLU A 290 13.24 -2.27 6.76
C GLU A 290 12.25 -1.15 7.05
N ARG A 291 10.95 -1.42 6.83
CA ARG A 291 9.93 -0.40 7.13
C ARG A 291 9.92 -0.05 8.62
N ILE A 292 10.06 -1.08 9.43
CA ILE A 292 10.12 -0.90 10.88
C ILE A 292 11.34 -0.01 11.23
N GLN A 293 12.51 -0.30 10.64
CA GLN A 293 13.67 0.56 10.82
C GLN A 293 13.36 2.02 10.50
N ARG A 294 12.63 2.23 9.42
CA ARG A 294 12.37 3.60 9.02
C ARG A 294 11.42 4.30 10.00
N ALA A 295 10.48 3.55 10.57
CA ALA A 295 9.45 4.19 11.39
C ALA A 295 9.90 4.44 12.81
N VAL A 296 10.79 3.57 13.31
CA VAL A 296 11.07 3.48 14.73
C VAL A 296 12.58 3.52 15.01
N GLY A 297 13.36 3.67 13.94
CA GLY A 297 14.81 3.70 14.03
C GLY A 297 15.34 5.08 14.33
N PRO A 298 16.63 5.32 14.00
CA PRO A 298 17.30 6.57 14.37
C PRO A 298 16.68 7.82 13.78
N GLU A 299 16.23 7.73 12.54
CA GLU A 299 15.97 8.97 11.78
C GLU A 299 14.80 9.79 12.30
N GLU A 300 14.96 11.12 12.29
CA GLU A 300 13.86 12.01 12.66
C GLU A 300 13.78 13.27 11.80
N GLY A 301 12.65 13.97 11.91
CA GLY A 301 12.40 15.18 11.17
C GLY A 301 12.43 14.90 9.70
N ALA A 302 13.05 15.79 8.94
CA ALA A 302 13.16 15.64 7.50
C ALA A 302 13.92 14.38 7.09
N ASP A 303 14.69 13.80 8.02
CA ASP A 303 15.40 12.58 7.69
C ASP A 303 14.48 11.35 7.75
N ARG A 304 13.37 11.46 8.48
CA ARG A 304 12.48 10.30 8.57
C ARG A 304 11.66 10.16 7.30
N THR A 305 11.76 8.99 6.69
CA THR A 305 11.08 8.73 5.43
C THR A 305 10.11 7.52 5.47
N GLU A 306 9.43 7.23 4.36
CA GLU A 306 8.49 6.10 4.25
C GLU A 306 7.42 6.15 5.36
N ARG A 307 6.86 7.35 5.58
CA ARG A 307 5.83 7.58 6.61
C ARG A 307 4.59 6.92 6.12
N MSE A 308 3.64 6.60 7.01
CA MSE A 308 2.34 6.07 6.56
C MSE A 308 1.31 6.87 7.38
O MSE A 308 1.66 7.43 8.41
CB MSE A 308 2.22 4.52 6.83
CG MSE A 308 3.12 3.79 5.82
SE MSE A 308 3.25 1.83 6.10
CE MSE A 308 4.52 1.21 4.69
N ALA A 309 0.05 6.89 6.92
CA ALA A 309 -0.94 7.66 7.62
C ALA A 309 -2.22 6.87 7.76
N GLY A 310 -3.00 7.15 8.79
CA GLY A 310 -4.31 6.53 8.89
C GLY A 310 -5.38 7.18 7.98
N SER A 311 -6.54 6.54 7.87
CA SER A 311 -7.56 6.97 6.90
C SER A 311 -8.06 8.40 7.17
N SER A 312 -8.19 8.81 8.45
CA SER A 312 -8.64 10.20 8.74
C SER A 312 -7.67 11.24 8.22
N GLU A 313 -6.38 10.96 8.35
CA GLU A 313 -5.36 11.87 7.82
C GLU A 313 -5.39 11.96 6.31
N TRP A 314 -5.54 10.80 5.67
CA TRP A 314 -5.70 10.81 4.23
C TRP A 314 -6.93 11.60 3.80
N GLN A 315 -8.04 11.45 4.52
CA GLN A 315 -9.24 12.18 4.13
C GLN A 315 -8.94 13.68 4.25
N THR A 316 -8.25 14.08 5.31
CA THR A 316 -7.96 15.52 5.47
C THR A 316 -7.15 16.02 4.27
N LEU A 317 -6.20 15.22 3.85
CA LEU A 317 -5.33 15.66 2.74
C LEU A 317 -6.10 15.73 1.41
N MSE A 318 -6.90 14.70 1.15
CA MSE A 318 -7.67 14.67 -0.10
C MSE A 318 -8.64 15.87 -0.15
O MSE A 318 -8.77 16.50 -1.17
CB MSE A 318 -8.50 13.37 -0.23
CG MSE A 318 -7.69 12.08 -0.26
SE MSE A 318 -6.40 12.09 -1.81
CE MSE A 318 -7.74 12.02 -3.18
N GLU A 319 -9.30 16.17 0.98
CA GLU A 319 -10.28 17.27 0.97
C GLU A 319 -9.57 18.60 0.88
N TRP A 320 -8.42 18.64 1.47
CA TRP A 320 -7.57 19.86 1.39
C TRP A 320 -7.23 20.15 -0.08
N CYS A 321 -7.07 19.08 -0.88
CA CYS A 321 -6.71 19.23 -2.28
C CYS A 321 -7.93 19.30 -3.17
N GLY A 322 -9.12 19.37 -2.58
CA GLY A 322 -10.28 19.69 -3.35
C GLY A 322 -11.09 18.46 -3.77
N PHE A 323 -10.72 17.27 -3.29
CA PHE A 323 -11.52 16.05 -3.62
C PHE A 323 -12.64 15.82 -2.64
N GLU A 324 -13.64 15.05 -3.03
CA GLU A 324 -14.73 14.65 -2.14
C GLU A 324 -14.87 13.13 -2.19
N PRO A 325 -15.31 12.53 -1.09
CA PRO A 325 -15.50 11.07 -1.06
C PRO A 325 -16.55 10.61 -2.05
N VAL A 326 -16.29 9.44 -2.62
CA VAL A 326 -17.25 8.76 -3.51
C VAL A 326 -17.63 7.43 -2.83
N PRO A 327 -18.93 7.16 -2.66
CA PRO A 327 -19.26 5.85 -2.02
C PRO A 327 -18.79 4.66 -2.82
N LEU A 328 -18.28 3.63 -2.16
CA LEU A 328 -17.92 2.46 -2.94
C LEU A 328 -19.21 1.68 -3.31
N SER A 329 -19.05 0.85 -4.32
CA SER A 329 -20.08 0.07 -4.94
C SER A 329 -20.82 -0.67 -3.90
N ASN A 330 -22.08 -0.78 -4.22
CA ASN A 330 -22.95 -1.69 -3.57
C ASN A 330 -22.45 -3.13 -3.55
N TYR A 331 -21.61 -3.48 -4.56
CA TYR A 331 -21.02 -4.80 -4.73
C TYR A 331 -19.52 -4.85 -4.39
N ALA A 332 -19.04 -3.92 -3.57
CA ALA A 332 -17.64 -3.96 -3.13
C ALA A 332 -17.50 -4.86 -1.94
N ARG A 333 -18.47 -4.87 -1.04
CA ARG A 333 -18.31 -5.80 0.05
C ARG A 333 -18.48 -7.23 -0.44
N SER A 334 -19.44 -7.49 -1.35
CA SER A 334 -19.61 -8.84 -1.83
C SER A 334 -18.34 -9.23 -2.62
N GLN A 335 -17.81 -8.35 -3.43
CA GLN A 335 -16.61 -8.74 -4.20
C GLN A 335 -15.44 -9.10 -3.29
N ALA A 336 -15.33 -8.32 -2.22
CA ALA A 336 -14.28 -8.64 -1.24
C ALA A 336 -14.54 -9.91 -0.44
N ASP A 337 -15.79 -10.22 -0.09
CA ASP A 337 -16.11 -11.54 0.46
C ASP A 337 -15.86 -12.67 -0.47
N LEU A 338 -16.10 -12.45 -1.76
CA LEU A 338 -15.84 -13.49 -2.71
C LEU A 338 -14.35 -13.78 -2.74
N LEU A 339 -13.54 -12.72 -2.70
CA LEU A 339 -12.11 -12.93 -2.77
C LEU A 339 -11.65 -13.75 -1.57
N LEU A 340 -12.32 -13.59 -0.43
CA LEU A 340 -11.87 -14.22 0.80
C LEU A 340 -12.46 -15.63 0.97
N TRP A 341 -13.29 -16.06 0.02
CA TRP A 341 -14.10 -17.26 0.21
C TRP A 341 -13.29 -18.47 0.59
N ASN A 342 -12.15 -18.69 -0.04
CA ASN A 342 -11.38 -19.89 0.27
C ASN A 342 -10.42 -19.84 1.47
N TYR A 343 -10.28 -18.67 2.08
CA TYR A 343 -9.54 -18.60 3.35
C TYR A 343 -10.34 -19.29 4.46
N ASP A 344 -9.90 -20.49 4.83
CA ASP A 344 -10.56 -21.32 5.86
C ASP A 344 -10.54 -20.67 7.23
N SER A 345 -11.00 -21.43 8.22
CA SER A 345 -11.28 -20.86 9.53
C SER A 345 -10.04 -20.35 10.27
N LYS A 346 -8.85 -20.87 9.97
CA LYS A 346 -7.67 -20.39 10.70
C LYS A 346 -7.28 -18.96 10.28
N TYR A 347 -7.75 -18.52 9.12
CA TYR A 347 -7.49 -17.13 8.71
C TYR A 347 -8.45 -16.18 9.40
N LYS A 348 -8.02 -14.95 9.66
CA LYS A 348 -8.81 -14.03 10.44
C LYS A 348 -9.09 -12.75 9.65
N TYR A 349 -9.27 -12.89 8.34
CA TYR A 349 -9.61 -11.71 7.53
C TYR A 349 -11.06 -11.32 7.62
N SER A 350 -11.32 -10.03 7.63
CA SER A 350 -12.70 -9.54 7.51
C SER A 350 -12.68 -8.17 6.91
N LEU A 351 -13.85 -7.64 6.59
CA LEU A 351 -13.93 -6.27 6.04
C LEU A 351 -14.47 -5.34 7.08
N VAL A 352 -13.88 -4.16 7.17
CA VAL A 352 -14.30 -3.12 8.13
C VAL A 352 -14.54 -1.80 7.43
N GLU A 353 -15.69 -1.17 7.69
CA GLU A 353 -15.92 0.14 7.09
C GLU A 353 -15.31 1.21 7.97
N LEU A 354 -14.62 2.19 7.38
CA LEU A 354 -14.14 3.32 8.17
C LEU A 354 -14.74 4.58 7.55
N PRO A 355 -15.09 5.57 8.38
CA PRO A 355 -15.82 6.72 7.83
C PRO A 355 -14.95 7.71 7.10
N PRO A 356 -15.52 8.42 6.12
CA PRO A 356 -16.91 8.32 5.63
C PRO A 356 -17.14 7.20 4.59
N ALA A 357 -16.12 6.87 3.80
CA ALA A 357 -16.42 5.93 2.73
C ALA A 357 -15.28 5.01 2.44
N PHE A 358 -14.47 4.71 3.46
CA PHE A 358 -13.35 3.76 3.31
C PHE A 358 -13.78 2.31 3.47
N LEU A 359 -13.15 1.39 2.75
CA LEU A 359 -13.39 -0.06 3.03
C LEU A 359 -12.05 -0.63 3.34
N SER A 360 -11.92 -1.37 4.44
CA SER A 360 -10.59 -1.84 4.81
C SER A 360 -10.59 -3.34 5.01
N LEU A 361 -9.49 -3.97 4.62
CA LEU A 361 -9.28 -5.38 4.87
C LEU A 361 -8.56 -5.44 6.21
N ALA A 362 -9.18 -6.21 7.12
CA ALA A 362 -8.71 -6.32 8.50
C ALA A 362 -8.23 -7.72 8.88
N TRP A 363 -7.34 -7.77 9.87
CA TRP A 363 -6.91 -9.04 10.46
C TRP A 363 -7.32 -9.03 11.94
N GLU A 364 -8.12 -10.02 12.36
CA GLU A 364 -8.65 -10.02 13.76
C GLU A 364 -9.26 -8.66 14.11
N LYS A 365 -10.07 -8.16 13.18
CA LYS A 365 -10.81 -6.91 13.26
C LYS A 365 -9.99 -5.63 13.31
N ARG A 366 -8.71 -5.73 13.06
CA ARG A 366 -7.83 -4.57 12.96
C ARG A 366 -7.59 -4.24 11.48
N PRO A 367 -8.04 -3.07 11.04
CA PRO A 367 -7.93 -2.65 9.63
C PRO A 367 -6.46 -2.60 9.24
N LEU A 368 -6.09 -3.16 8.08
CA LEU A 368 -4.70 -3.15 7.66
C LEU A 368 -4.49 -2.44 6.35
N LEU A 369 -5.43 -2.63 5.43
CA LEU A 369 -5.22 -2.04 4.03
C LEU A 369 -6.54 -1.42 3.65
N THR A 370 -6.56 -0.12 3.40
CA THR A 370 -7.80 0.61 3.18
C THR A 370 -7.92 1.16 1.77
N VAL A 371 -9.10 1.06 1.18
CA VAL A 371 -9.31 1.53 -0.19
C VAL A 371 -10.42 2.56 -0.15
N SER A 372 -10.30 3.62 -0.94
CA SER A 372 -11.35 4.65 -1.03
C SER A 372 -11.33 5.27 -2.42
N ALA A 373 -12.42 5.91 -2.77
CA ALA A 373 -12.56 6.57 -4.08
C ALA A 373 -12.92 8.06 -3.84
N TRP A 374 -12.47 8.94 -4.75
CA TRP A 374 -12.55 10.40 -4.56
C TRP A 374 -12.84 11.04 -5.88
N ARG A 375 -13.41 12.24 -5.92
CA ARG A 375 -13.44 12.99 -7.20
C ARG A 375 -13.43 14.53 -7.02
#